data_3JQL
#
_entry.id   3JQL
#
_cell.length_a   42.023
_cell.length_b   42.023
_cell.length_c   64.146
_cell.angle_alpha   90.00
_cell.angle_beta   90.00
_cell.angle_gamma   90.00
#
_symmetry.space_group_name_H-M   'P 41'
#
loop_
_entity.id
_entity.type
_entity.pdbx_description
1 polymer 'Acidic phospholipase A2 3 (Fragment)'
2 polymer 'Amyloid Beta Peptide'
3 non-polymer 'CALCIUM ION'
4 water water
#
loop_
_entity_poly.entity_id
_entity_poly.type
_entity_poly.pdbx_seq_one_letter_code
_entity_poly.pdbx_strand_id
1 'polypeptide(L)'
;NLYQFKNMIQCTVPSRSWADFADYGCYCGKGGSGTPVDDLDRCCQTHDNCYNEAENISGCRPYFKTYSYECTQGTLTCKG
DNNACAASVCDCDRLAAICFAGAPYNDANYNIDLKARCN
;
A
2 'polypeptide(L)' KLVFFA B
#
loop_
_chem_comp.id
_chem_comp.type
_chem_comp.name
_chem_comp.formula
CA non-polymer 'CALCIUM ION' 'Ca 2'
#
# COMPACT_ATOMS: atom_id res chain seq x y z
N ASN A 1 7.58 -1.13 6.83
CA ASN A 1 7.28 -2.59 6.68
C ASN A 1 5.76 -2.80 6.57
N LEU A 2 5.37 -4.03 6.29
CA LEU A 2 3.97 -4.34 6.08
C LEU A 2 3.07 -3.98 7.22
N TYR A 3 3.53 -4.31 8.40
CA TYR A 3 2.82 -4.00 9.64
C TYR A 3 2.56 -2.49 9.77
N GLN A 4 3.57 -1.69 9.46
CA GLN A 4 3.43 -0.23 9.48
C GLN A 4 2.45 0.27 8.42
N PHE A 5 2.51 -0.28 7.22
CA PHE A 5 1.56 0.07 6.15
C PHE A 5 0.13 -0.24 6.60
N LYS A 6 -0.06 -1.44 7.18
CA LYS A 6 -1.36 -1.81 7.74
C LYS A 6 -1.85 -0.75 8.75
N ASN A 7 -0.95 -0.31 9.63
CA ASN A 7 -1.29 0.72 10.59
C ASN A 7 -1.64 2.07 9.96
N MET A 8 -0.94 2.45 8.89
CA MET A 8 -1.32 3.63 8.12
C MET A 8 -2.74 3.51 7.58
N ILE A 9 -3.09 2.34 7.06
CA ILE A 9 -4.43 2.09 6.50
C ILE A 9 -5.50 2.14 7.60
N GLN A 10 -5.21 1.55 8.76
CA GLN A 10 -6.13 1.58 9.90
C GLN A 10 -6.37 3.02 10.36
N CYS A 11 -5.34 3.84 10.23
CA CYS A 11 -5.38 5.22 10.68
C CYS A 11 -6.11 6.15 9.69
N THR A 12 -5.98 5.88 8.39
CA THR A 12 -6.58 6.74 7.35
C THR A 12 -7.98 6.30 6.94
N VAL A 13 -8.27 5.01 7.08
CA VAL A 13 -9.58 4.47 6.76
C VAL A 13 -10.11 3.67 7.96
N PRO A 14 -10.44 4.37 9.07
CA PRO A 14 -10.91 3.65 10.26
C PRO A 14 -12.32 3.08 10.16
N SER A 15 -13.13 3.51 9.18
CA SER A 15 -14.45 2.91 8.98
C SER A 15 -14.40 1.42 8.49
N ARG A 16 -13.32 1.01 7.82
CA ARG A 16 -13.30 -0.34 7.25
C ARG A 16 -12.14 -1.24 7.83
N SER A 17 -12.34 -2.57 7.92
CA SER A 17 -11.33 -3.55 8.28
C SER A 17 -10.18 -3.38 7.30
N TRP A 18 -8.95 -3.32 7.82
CA TRP A 18 -7.76 -3.19 6.97
C TRP A 18 -7.72 -4.30 5.91
N ALA A 19 -8.31 -5.45 6.25
CA ALA A 19 -8.37 -6.61 5.38
C ALA A 19 -9.08 -6.34 4.05
N ASP A 20 -9.97 -5.36 4.05
CA ASP A 20 -10.67 -4.95 2.82
C ASP A 20 -9.70 -4.53 1.72
N PHE A 21 -8.53 -4.03 2.13
CA PHE A 21 -7.53 -3.52 1.19
C PHE A 21 -6.44 -4.54 0.86
N ALA A 22 -6.52 -5.72 1.49
CA ALA A 22 -5.48 -6.74 1.40
C ALA A 22 -5.62 -7.66 0.18
N ASP A 23 -6.77 -7.58 -0.49
CA ASP A 23 -7.05 -8.42 -1.64
C ASP A 23 -8.13 -7.75 -2.50
N TYR A 24 -7.73 -6.78 -3.30
CA TYR A 24 -8.67 -5.99 -4.08
C TYR A 24 -8.08 -5.65 -5.45
N GLY A 25 -8.87 -5.86 -6.49
CA GLY A 25 -8.42 -5.56 -7.85
C GLY A 25 -7.20 -6.35 -8.24
N CYS A 26 -6.48 -5.82 -9.22
CA CYS A 26 -5.28 -6.48 -9.73
C CYS A 26 -4.02 -6.17 -8.92
N TYR A 27 -4.05 -5.09 -8.14
CA TYR A 27 -2.85 -4.60 -7.47
C TYR A 27 -2.88 -4.50 -5.94
N CYS A 28 -4.05 -4.37 -5.34
CA CYS A 28 -4.03 -4.25 -3.89
C CYS A 28 -3.93 -5.60 -3.34
N GLY A 29 -2.69 -5.96 -3.06
CA GLY A 29 -2.56 -7.24 -2.51
C GLY A 29 -1.44 -7.99 -3.24
N LYS A 30 -1.58 -9.31 -3.27
CA LYS A 30 -0.62 -10.21 -3.89
C LYS A 30 -0.30 -9.88 -5.38
N GLY A 31 -1.35 -9.50 -6.08
CA GLY A 31 -1.27 -9.16 -7.47
C GLY A 31 -0.44 -7.92 -7.75
N GLY A 32 0.14 -7.89 -8.94
CA GLY A 32 0.95 -6.77 -9.39
C GLY A 32 1.14 -6.74 -10.90
N SER A 33 0.02 -6.99 -11.58
CA SER A 33 0.02 -6.90 -13.04
C SER A 33 -1.37 -6.62 -13.58
N GLY A 34 -1.46 -6.30 -14.88
CA GLY A 34 -2.73 -6.09 -15.55
C GLY A 34 -3.23 -4.65 -15.53
N THR A 35 -4.42 -4.45 -16.10
CA THR A 35 -5.07 -3.14 -16.06
C THR A 35 -5.70 -2.98 -14.68
N PRO A 36 -5.40 -1.86 -13.99
CA PRO A 36 -6.10 -1.62 -12.73
C PRO A 36 -7.60 -1.47 -13.00
N VAL A 37 -8.42 -2.05 -12.13
CA VAL A 37 -9.85 -2.17 -12.39
C VAL A 37 -10.63 -0.90 -12.10
N ASP A 38 -10.11 -0.06 -11.21
CA ASP A 38 -10.77 1.19 -10.81
C ASP A 38 -9.80 2.10 -10.07
N ASP A 39 -10.32 3.19 -9.52
CA ASP A 39 -9.53 4.19 -8.80
C ASP A 39 -8.73 3.62 -7.63
N LEU A 40 -9.38 2.81 -6.78
CA LEU A 40 -8.67 2.20 -5.65
C LEU A 40 -7.53 1.30 -6.14
N ASP A 41 -7.79 0.50 -7.15
CA ASP A 41 -6.77 -0.35 -7.73
C ASP A 41 -5.60 0.48 -8.29
N ARG A 42 -5.90 1.63 -8.88
CA ARG A 42 -4.84 2.54 -9.35
C ARG A 42 -3.98 3.07 -8.20
N CYS A 43 -4.57 3.33 -7.03
CA CYS A 43 -3.79 3.67 -5.82
C CYS A 43 -2.77 2.56 -5.56
N CYS A 44 -3.23 1.31 -5.67
CA CYS A 44 -2.39 0.17 -5.40
C CYS A 44 -1.34 -0.08 -6.49
N GLN A 45 -1.68 0.21 -7.75
CA GLN A 45 -0.70 0.10 -8.83
C GLN A 45 0.46 1.07 -8.64
N THR A 46 0.14 2.33 -8.34
CA THR A 46 1.18 3.32 -8.07
C THR A 46 2.08 2.86 -6.92
N HIS A 47 1.45 2.34 -5.87
CA HIS A 47 2.16 1.84 -4.69
C HIS A 47 3.11 0.68 -5.05
N ASP A 48 2.61 -0.27 -5.83
CA ASP A 48 3.41 -1.40 -6.31
C ASP A 48 4.65 -0.92 -7.09
N ASN A 49 4.42 0.00 -8.03
CA ASN A 49 5.50 0.57 -8.82
C ASN A 49 6.52 1.29 -7.93
N CYS A 50 6.00 2.00 -6.92
CA CYS A 50 6.82 2.74 -5.97
C CYS A 50 7.75 1.79 -5.21
N TYR A 51 7.22 0.66 -4.77
CA TYR A 51 8.02 -0.37 -4.11
C TYR A 51 9.10 -0.94 -5.04
N ASN A 52 8.73 -1.21 -6.30
CA ASN A 52 9.70 -1.73 -7.26
C ASN A 52 10.87 -0.76 -7.47
N GLU A 53 10.58 0.53 -7.47
CA GLU A 53 11.63 1.53 -7.60
C GLU A 53 12.49 1.57 -6.34
N ALA A 54 11.86 1.56 -5.16
CA ALA A 54 12.60 1.57 -3.90
C ALA A 54 13.53 0.37 -3.75
N GLU A 55 13.10 -0.77 -4.29
CA GLU A 55 13.87 -2.01 -4.29
C GLU A 55 15.18 -1.94 -5.05
N ASN A 56 15.33 -0.94 -5.92
CA ASN A 56 16.59 -0.72 -6.62
C ASN A 56 17.72 -0.23 -5.70
N ILE A 57 17.35 0.36 -4.56
CA ILE A 57 18.33 0.79 -3.56
C ILE A 57 18.90 -0.46 -2.87
N SER A 58 20.24 -0.57 -2.83
CA SER A 58 20.88 -1.74 -2.23
C SER A 58 20.48 -1.90 -0.76
N GLY A 59 20.00 -3.09 -0.42
CA GLY A 59 19.59 -3.40 0.94
C GLY A 59 18.21 -2.93 1.32
N CYS A 60 17.44 -2.41 0.35
CA CYS A 60 16.11 -1.87 0.60
C CYS A 60 15.02 -2.88 0.27
N ARG A 61 14.30 -3.32 1.29
CA ARG A 61 13.29 -4.38 1.18
C ARG A 61 11.95 -3.83 1.69
N PRO A 62 11.14 -3.24 0.80
CA PRO A 62 9.95 -2.49 1.24
C PRO A 62 8.97 -3.22 2.18
N TYR A 63 8.77 -4.53 2.02
CA TYR A 63 7.86 -5.27 2.90
C TYR A 63 8.42 -5.36 4.33
N PHE A 64 9.74 -5.22 4.47
CA PHE A 64 10.45 -5.54 5.71
C PHE A 64 11.15 -4.37 6.38
N LYS A 65 11.40 -3.30 5.63
CA LYS A 65 12.12 -2.15 6.16
C LYS A 65 11.28 -1.39 7.18
N THR A 66 11.78 -1.31 8.42
CA THR A 66 11.10 -0.56 9.46
C THR A 66 11.51 0.90 9.35
N TYR A 67 10.54 1.77 9.07
CA TYR A 67 10.80 3.20 8.96
C TYR A 67 10.26 3.94 10.18
N SER A 68 10.43 5.26 10.18
CA SER A 68 9.98 6.13 11.27
C SER A 68 8.87 7.05 10.77
N TYR A 69 7.70 6.94 11.39
CA TYR A 69 6.53 7.70 10.98
C TYR A 69 5.62 7.97 12.17
N GLU A 70 4.70 8.91 11.99
CA GLU A 70 3.63 9.19 12.95
C GLU A 70 2.31 9.27 12.21
N CYS A 71 1.25 8.78 12.86
CA CYS A 71 -0.13 9.04 12.41
C CYS A 71 -0.88 9.59 13.61
N THR A 72 -1.16 10.90 13.58
CA THR A 72 -1.86 11.57 14.67
C THR A 72 -2.73 12.69 14.14
N GLN A 73 -3.91 12.82 14.75
CA GLN A 73 -4.81 13.95 14.46
C GLN A 73 -5.06 14.14 12.97
N GLY A 74 -5.23 13.01 12.29
CA GLY A 74 -5.60 12.98 10.88
C GLY A 74 -4.46 13.14 9.88
N THR A 75 -3.12 12.99 10.26
CA THR A 75 -2.00 13.36 9.42
C THR A 75 -0.84 12.35 9.50
N LEU A 76 -0.38 11.91 8.34
CA LEU A 76 0.80 11.04 8.24
C LEU A 76 2.05 11.89 8.02
N THR A 77 3.10 11.58 8.77
CA THR A 77 4.36 12.30 8.66
C THR A 77 5.56 11.35 8.76
N CYS A 78 6.18 11.13 7.60
CA CYS A 78 7.44 10.37 7.56
C CYS A 78 8.52 11.24 8.20
N LYS A 79 9.18 10.71 9.22
CA LYS A 79 10.08 11.50 10.07
C LYS A 79 11.48 11.69 9.52
N GLY A 80 12.18 12.69 10.05
CA GLY A 80 13.51 13.06 9.59
C GLY A 80 14.65 12.09 9.87
N ASP A 81 14.44 11.12 10.76
CA ASP A 81 15.47 10.12 11.06
C ASP A 81 15.54 8.93 10.09
N ASN A 82 14.76 9.00 9.01
CA ASN A 82 14.74 7.96 7.97
C ASN A 82 15.92 8.07 7.03
N ASN A 83 16.56 6.94 6.71
CA ASN A 83 17.53 6.92 5.62
C ASN A 83 16.80 6.90 4.26
N ALA A 84 17.53 6.80 3.16
CA ALA A 84 16.94 6.94 1.84
C ALA A 84 15.91 5.85 1.56
N CYS A 85 16.26 4.60 1.90
CA CYS A 85 15.33 3.49 1.79
C CYS A 85 14.07 3.71 2.63
N ALA A 86 14.26 4.01 3.91
CA ALA A 86 13.14 4.25 4.82
C ALA A 86 12.26 5.40 4.34
N ALA A 87 12.86 6.49 3.90
CA ALA A 87 12.11 7.65 3.43
C ALA A 87 11.28 7.34 2.20
N SER A 88 11.87 6.60 1.26
CA SER A 88 11.18 6.21 0.02
C SER A 88 10.00 5.28 0.31
N VAL A 89 10.25 4.24 1.10
CA VAL A 89 9.22 3.26 1.41
C VAL A 89 8.09 3.91 2.22
N CYS A 90 8.45 4.70 3.23
CA CYS A 90 7.47 5.44 4.02
C CYS A 90 6.59 6.33 3.14
N ASP A 91 7.21 7.02 2.19
CA ASP A 91 6.44 7.88 1.30
C ASP A 91 5.50 7.08 0.39
N CYS A 92 5.96 5.93 -0.11
CA CYS A 92 5.09 5.06 -0.91
C CYS A 92 3.82 4.72 -0.10
N ASP A 93 4.12 4.28 1.15
CA ASP A 93 3.04 3.84 2.03
C ASP A 93 2.12 4.99 2.44
N ARG A 94 2.69 6.19 2.52
CA ARG A 94 1.96 7.39 2.97
C ARG A 94 0.90 7.81 1.96
N LEU A 95 1.31 8.06 0.72
CA LEU A 95 0.41 8.51 -0.35
C LEU A 95 -0.57 7.43 -0.81
N ALA A 96 -0.26 6.17 -0.50
CA ALA A 96 -1.18 5.06 -0.83
C ALA A 96 -2.30 5.10 0.17
N ALA A 97 -1.95 5.22 1.46
CA ALA A 97 -2.96 5.28 2.51
C ALA A 97 -3.89 6.49 2.33
N ILE A 98 -3.33 7.62 1.94
CA ILE A 98 -4.10 8.82 1.67
C ILE A 98 -5.00 8.59 0.46
N CYS A 99 -4.45 7.99 -0.58
CA CYS A 99 -5.21 7.63 -1.79
C CYS A 99 -6.42 6.74 -1.46
N PHE A 100 -6.21 5.73 -0.62
CA PHE A 100 -7.29 4.81 -0.23
C PHE A 100 -8.47 5.55 0.38
N ALA A 101 -8.18 6.57 1.21
CA ALA A 101 -9.22 7.34 1.90
C ALA A 101 -10.17 8.07 0.96
N GLY A 102 -9.69 8.43 -0.22
CA GLY A 102 -10.50 9.15 -1.20
C GLY A 102 -11.08 8.30 -2.31
N ALA A 103 -10.74 7.00 -2.30
CA ALA A 103 -11.15 6.08 -3.34
C ALA A 103 -12.51 5.42 -3.03
N PRO A 104 -13.37 5.27 -4.07
CA PRO A 104 -14.57 4.46 -3.85
C PRO A 104 -14.18 3.00 -3.64
N TYR A 105 -14.99 2.28 -2.89
CA TYR A 105 -14.76 0.85 -2.70
C TYR A 105 -15.92 0.09 -3.35
N ASN A 106 -15.58 -0.74 -4.35
CA ASN A 106 -16.56 -1.55 -5.08
C ASN A 106 -16.43 -3.01 -4.62
N ASP A 107 -17.46 -3.49 -3.90
CA ASP A 107 -17.45 -4.85 -3.35
C ASP A 107 -17.17 -5.92 -4.39
N ALA A 108 -17.55 -5.66 -5.65
CA ALA A 108 -17.30 -6.58 -6.76
C ALA A 108 -15.82 -6.82 -7.01
N ASN A 109 -15.01 -5.81 -6.67
CA ASN A 109 -13.59 -5.86 -6.97
C ASN A 109 -12.75 -6.50 -5.86
N TYR A 110 -13.40 -6.90 -4.77
CA TYR A 110 -12.72 -7.66 -3.72
C TYR A 110 -12.44 -9.09 -4.17
N ASN A 111 -11.22 -9.58 -3.92
CA ASN A 111 -10.87 -10.98 -4.13
C ASN A 111 -11.13 -11.46 -5.56
N ILE A 112 -10.64 -10.71 -6.56
CA ILE A 112 -10.83 -11.11 -7.95
C ILE A 112 -9.79 -12.13 -8.43
N ASP A 113 -10.12 -12.79 -9.54
CA ASP A 113 -9.32 -13.88 -10.08
C ASP A 113 -8.14 -13.29 -10.87
N LEU A 114 -6.98 -13.21 -10.23
CA LEU A 114 -5.82 -12.55 -10.83
C LEU A 114 -5.35 -13.22 -12.11
N LYS A 115 -5.32 -14.55 -12.11
CA LYS A 115 -4.86 -15.30 -13.28
C LYS A 115 -5.69 -14.97 -14.51
N ALA A 116 -7.01 -14.86 -14.33
CA ALA A 116 -7.92 -14.62 -15.45
C ALA A 116 -8.03 -13.15 -15.85
N ARG A 117 -7.95 -12.26 -14.87
CA ARG A 117 -8.34 -10.87 -15.10
C ARG A 117 -7.20 -9.86 -15.10
N CYS A 118 -6.00 -10.30 -14.73
CA CYS A 118 -4.90 -9.37 -14.55
C CYS A 118 -3.68 -9.66 -15.44
N ASN A 119 -3.91 -10.22 -16.62
CA ASN A 119 -2.84 -10.44 -17.59
C ASN A 119 -2.56 -9.18 -18.41
N LYS B 1 -2.57 -3.50 4.19
CA LYS B 1 -2.63 -4.13 2.84
C LYS B 1 -1.85 -5.43 2.82
N LEU B 2 -1.81 -6.18 1.71
CA LEU B 2 -0.97 -7.35 1.17
C LEU B 2 -0.85 -8.73 1.85
N VAL B 3 -0.98 -8.74 3.18
CA VAL B 3 -0.92 -9.97 4.03
C VAL B 3 0.10 -11.04 3.58
N PHE B 4 1.16 -10.59 2.96
CA PHE B 4 2.29 -11.43 2.58
C PHE B 4 3.36 -11.13 3.63
N PHE B 5 3.00 -11.36 4.89
CA PHE B 5 3.75 -10.88 6.06
C PHE B 5 5.17 -11.47 6.20
N ALA B 6 5.31 -12.75 5.89
CA ALA B 6 6.60 -13.44 5.97
C ALA B 6 6.80 -14.42 4.82
CA CA C . 0.59 -5.50 -5.26
#